data_6NJQ
#
_entry.id   6NJQ
#
_cell.length_a   41.299
_cell.length_b   57.967
_cell.length_c   149.752
_cell.angle_alpha   90.000
_cell.angle_beta   96.500
_cell.angle_gamma   90.000
#
_symmetry.space_group_name_H-M   'P 1 21 1'
#
loop_
_entity.id
_entity.type
_entity.pdbx_description
1 polymer 'TATA-box-binding protein 1'
2 polymer "DNA (5'-D(*GP*CP*TP*AP*TP*AP*AP*AP*CP*GP*GP*GP*CP*A)-3')"
3 polymer "DNA (5'-D(*TP*GP*CP*CP*CP*GP*TP*TP*TP*AP*TP*AP*GP*C)-3')"
4 water water
#
loop_
_entity_poly.entity_id
_entity_poly.type
_entity_poly.pdbx_seq_one_letter_code
_entity_poly.pdbx_strand_id
1 'polypeptide(L)'
;MGSSHHHHHHSSGLVPRGSHMTDQGLEGSNPVDLSKHPSGIVPTLQNIVSTVNLDCKLDLKAIALQARNAEYNPKRFAAV
IMRIREPKTTALIFASGKMVCTGAKSEDFSKMAARKYARIVQKLGFPAKFKDFKIQNIVGSCDVKFPIRLEGLAYSHAAF
SSYEPELFPGLIYRMKVPKIVLLIFVSGKIVITGAKMRDETYKAFENIYPVLSEFRKIQQ
;
B,A
2 'polydeoxyribonucleotide' (DG)(DC)(DT)(DA)(DT)(DA)(DA)(DA)(DC)(DG)(DG)(DG)(DC)(DA) E,C
3 'polydeoxyribonucleotide' (DT)(DG)(DC)(DC)(DC)(DG)(DT)(DT)(DT)(DA)(DT)(DA)(DG)(DC) F,D
#
# COMPACT_ATOMS: atom_id res chain seq x y z
N VAL A 32 0.51 6.86 -4.85
CA VAL A 32 -0.08 5.59 -5.21
C VAL A 32 -1.15 5.21 -4.18
N ASP A 33 -2.29 4.70 -4.65
CA ASP A 33 -3.40 4.37 -3.76
C ASP A 33 -3.13 3.01 -3.13
N LEU A 34 -2.73 3.01 -1.86
CA LEU A 34 -2.33 1.78 -1.19
C LEU A 34 -3.51 1.03 -0.58
N SER A 35 -4.69 1.13 -1.19
CA SER A 35 -5.87 0.41 -0.69
C SER A 35 -6.25 -0.77 -1.57
N LYS A 36 -6.29 -0.59 -2.89
CA LYS A 36 -6.35 -1.74 -3.79
C LYS A 36 -4.96 -2.15 -4.26
N HIS A 37 -3.93 -1.36 -3.93
CA HIS A 37 -2.54 -1.64 -4.28
C HIS A 37 -1.67 -1.59 -3.04
N PRO A 38 -1.86 -2.53 -2.10
CA PRO A 38 -0.96 -2.55 -0.93
C PRO A 38 0.51 -2.72 -1.32
N SER A 39 0.76 -3.34 -2.46
CA SER A 39 2.14 -3.47 -2.95
C SER A 39 2.77 -2.11 -3.19
N GLY A 40 2.00 -1.17 -3.72
CA GLY A 40 2.54 0.05 -4.25
C GLY A 40 2.83 0.00 -5.73
N ILE A 41 2.41 -1.08 -6.41
CA ILE A 41 2.66 -1.29 -7.83
C ILE A 41 1.32 -1.28 -8.55
N VAL A 42 1.27 -0.59 -9.69
CA VAL A 42 0.03 -0.49 -10.45
C VAL A 42 0.24 -1.04 -11.86
N PRO A 43 -0.39 -2.16 -12.18
CA PRO A 43 -0.28 -2.73 -13.54
C PRO A 43 -0.77 -1.74 -14.60
N THR A 44 0.12 -1.44 -15.54
CA THR A 44 -0.29 -0.75 -16.76
C THR A 44 -1.20 -1.64 -17.59
N LEU A 45 -2.34 -1.11 -18.01
CA LEU A 45 -3.16 -1.81 -18.99
C LEU A 45 -2.53 -1.66 -20.37
N GLN A 46 -2.49 -2.76 -21.12
CA GLN A 46 -1.75 -2.81 -22.37
C GLN A 46 -2.59 -3.12 -23.60
N ASN A 47 -3.77 -3.70 -23.44
CA ASN A 47 -4.63 -4.05 -24.57
C ASN A 47 -6.02 -4.36 -24.06
N ILE A 48 -7.03 -3.87 -24.77
CA ILE A 48 -8.43 -4.09 -24.43
C ILE A 48 -9.13 -4.70 -25.63
N VAL A 49 -9.96 -5.71 -25.37
CA VAL A 49 -10.78 -6.36 -26.38
C VAL A 49 -12.24 -6.17 -25.99
N SER A 50 -13.06 -5.72 -26.93
CA SER A 50 -14.44 -5.40 -26.64
C SER A 50 -15.34 -5.81 -27.79
N THR A 51 -16.61 -6.02 -27.46
CA THR A 51 -17.63 -6.34 -28.44
C THR A 51 -18.74 -5.32 -28.37
N VAL A 52 -19.58 -5.35 -29.41
CA VAL A 52 -20.73 -4.47 -29.53
C VAL A 52 -21.56 -4.92 -30.73
N ASN A 53 -22.87 -4.78 -30.63
CA ASN A 53 -23.76 -5.20 -31.70
C ASN A 53 -24.27 -3.97 -32.44
N LEU A 54 -23.87 -3.83 -33.70
CA LEU A 54 -24.48 -2.83 -34.57
C LEU A 54 -25.94 -3.13 -34.85
N ASP A 55 -26.41 -4.36 -34.56
CA ASP A 55 -27.82 -4.75 -34.73
C ASP A 55 -28.35 -4.24 -36.06
N CYS A 56 -27.73 -4.77 -37.12
CA CYS A 56 -28.18 -4.65 -38.50
C CYS A 56 -27.35 -5.61 -39.33
N LYS A 57 -27.95 -6.19 -40.36
CA LYS A 57 -27.19 -7.06 -41.25
C LYS A 57 -26.41 -6.18 -42.23
N LEU A 58 -25.18 -6.59 -42.54
CA LEU A 58 -24.29 -5.76 -43.34
C LEU A 58 -23.75 -6.52 -44.53
N ASP A 59 -23.45 -5.76 -45.59
CA ASP A 59 -22.79 -6.25 -46.79
C ASP A 59 -21.31 -5.93 -46.65
N LEU A 60 -20.51 -6.94 -46.30
CA LEU A 60 -19.08 -6.71 -46.13
C LEU A 60 -18.39 -6.46 -47.46
N LYS A 61 -18.87 -7.10 -48.54
CA LYS A 61 -18.29 -6.86 -49.86
C LYS A 61 -18.40 -5.39 -50.25
N ALA A 62 -19.55 -4.78 -49.94
CA ALA A 62 -19.74 -3.36 -50.25
C ALA A 62 -18.90 -2.48 -49.33
N ILE A 63 -18.86 -2.81 -48.04
CA ILE A 63 -18.09 -2.03 -47.07
C ILE A 63 -16.62 -1.99 -47.47
N ALA A 64 -16.10 -3.10 -47.97
CA ALA A 64 -14.71 -3.13 -48.39
C ALA A 64 -14.46 -2.29 -49.63
N LEU A 65 -15.51 -1.93 -50.36
CA LEU A 65 -15.30 -1.19 -51.61
C LEU A 65 -15.25 0.33 -51.42
N GLN A 66 -16.11 0.88 -50.57
CA GLN A 66 -16.20 2.33 -50.44
C GLN A 66 -15.30 2.86 -49.32
N ALA A 67 -14.99 1.99 -48.36
CA ALA A 67 -13.99 2.31 -47.35
C ALA A 67 -12.59 2.06 -47.90
N ARG A 68 -11.68 2.99 -47.62
CA ARG A 68 -10.27 2.79 -47.94
C ARG A 68 -9.49 2.21 -46.77
N ASN A 69 -10.06 2.28 -45.57
CA ASN A 69 -9.44 1.83 -44.33
C ASN A 69 -9.62 0.34 -44.08
N ALA A 70 -10.20 -0.41 -45.04
CA ALA A 70 -10.70 -1.74 -44.77
C ALA A 70 -10.08 -2.77 -45.69
N GLU A 71 -9.77 -3.93 -45.11
CA GLU A 71 -9.31 -5.10 -45.83
C GLU A 71 -10.29 -6.24 -45.57
N TYR A 72 -10.70 -6.94 -46.62
CA TYR A 72 -11.69 -8.00 -46.52
C TYR A 72 -11.23 -9.20 -47.31
N ASN A 73 -10.95 -10.31 -46.62
CA ASN A 73 -10.54 -11.58 -47.22
C ASN A 73 -11.55 -12.64 -46.79
N PRO A 74 -12.70 -12.73 -47.48
CA PRO A 74 -13.75 -13.66 -47.02
C PRO A 74 -13.30 -15.10 -46.92
N LYS A 75 -12.37 -15.53 -47.78
CA LYS A 75 -11.77 -16.85 -47.63
C LYS A 75 -10.98 -16.95 -46.34
N ARG A 76 -10.02 -16.04 -46.14
CA ARG A 76 -9.14 -16.09 -44.98
C ARG A 76 -9.92 -15.92 -43.68
N PHE A 77 -10.80 -14.92 -43.63
CA PHE A 77 -11.55 -14.62 -42.42
C PHE A 77 -12.77 -13.79 -42.81
N ALA A 78 -13.96 -14.30 -42.55
CA ALA A 78 -15.18 -13.61 -42.94
C ALA A 78 -15.39 -12.35 -42.12
N ALA A 79 -14.52 -11.36 -42.32
CA ALA A 79 -14.54 -10.15 -41.49
C ALA A 79 -13.89 -9.00 -42.25
N VAL A 80 -14.56 -7.85 -42.26
CA VAL A 80 -13.90 -6.61 -42.65
C VAL A 80 -13.01 -6.19 -41.50
N ILE A 81 -11.71 -6.05 -41.77
CA ILE A 81 -10.75 -5.60 -40.78
C ILE A 81 -10.49 -4.11 -40.99
N MET A 82 -10.70 -3.32 -39.94
CA MET A 82 -10.64 -1.87 -40.02
C MET A 82 -9.78 -1.33 -38.89
N ARG A 83 -9.11 -0.20 -39.15
CA ARG A 83 -8.21 0.40 -38.17
C ARG A 83 -8.38 1.91 -38.18
N ILE A 84 -8.15 2.51 -37.01
CA ILE A 84 -8.13 3.96 -36.85
C ILE A 84 -6.88 4.33 -36.06
N ARG A 85 -6.44 5.58 -36.23
CA ARG A 85 -5.18 6.00 -35.61
C ARG A 85 -5.33 6.31 -34.12
N GLU A 86 -6.41 6.98 -33.70
CA GLU A 86 -6.60 7.26 -32.29
C GLU A 86 -8.05 7.07 -31.86
N PRO A 87 -8.32 6.24 -30.83
CA PRO A 87 -7.32 5.37 -30.21
C PRO A 87 -6.84 4.30 -31.17
N LYS A 88 -5.52 4.08 -31.23
CA LYS A 88 -4.97 3.10 -32.15
C LYS A 88 -5.61 1.74 -31.91
N THR A 89 -6.52 1.36 -32.78
CA THR A 89 -7.29 0.13 -32.60
C THR A 89 -7.49 -0.54 -33.95
N THR A 90 -7.84 -1.82 -33.88
CA THR A 90 -8.26 -2.59 -35.03
C THR A 90 -9.62 -3.20 -34.71
N ALA A 91 -10.52 -3.17 -35.68
CA ALA A 91 -11.86 -3.69 -35.50
C ALA A 91 -12.11 -4.86 -36.43
N LEU A 92 -13.05 -5.71 -36.04
CA LEU A 92 -13.49 -6.85 -36.83
C LEU A 92 -14.99 -6.77 -37.00
N ILE A 93 -15.45 -6.72 -38.25
CA ILE A 93 -16.83 -6.39 -38.59
C ILE A 93 -17.40 -7.51 -39.44
N PHE A 94 -18.39 -8.22 -38.91
CA PHE A 94 -18.97 -9.40 -39.55
C PHE A 94 -20.40 -9.13 -39.99
N ALA A 95 -20.82 -9.81 -41.07
CA ALA A 95 -22.11 -9.51 -41.71
C ALA A 95 -23.27 -9.60 -40.72
N SER A 96 -23.14 -10.44 -39.69
CA SER A 96 -24.19 -10.57 -38.69
C SER A 96 -24.52 -9.23 -38.04
N GLY A 97 -23.57 -8.30 -38.01
CA GLY A 97 -23.71 -7.05 -37.31
C GLY A 97 -22.86 -6.96 -36.06
N LYS A 98 -22.40 -8.10 -35.55
CA LYS A 98 -21.47 -8.13 -34.43
C LYS A 98 -20.15 -7.49 -34.84
N MET A 99 -19.51 -6.80 -33.88
CA MET A 99 -18.23 -6.16 -34.12
C MET A 99 -17.31 -6.34 -32.93
N VAL A 100 -16.03 -6.53 -33.20
CA VAL A 100 -15.00 -6.67 -32.19
C VAL A 100 -14.03 -5.49 -32.32
N CYS A 101 -13.56 -4.97 -31.18
CA CYS A 101 -12.58 -3.91 -31.16
C CYS A 101 -11.40 -4.34 -30.29
N THR A 102 -10.18 -4.07 -30.78
CA THR A 102 -8.97 -4.52 -30.13
C THR A 102 -7.92 -3.42 -30.17
N GLY A 103 -6.94 -3.50 -29.26
CA GLY A 103 -5.77 -2.65 -29.31
C GLY A 103 -5.78 -1.48 -28.33
N ALA A 104 -6.94 -1.07 -27.85
CA ALA A 104 -7.03 0.08 -26.97
C ALA A 104 -6.31 -0.16 -25.65
N LYS A 105 -5.89 0.93 -25.01
CA LYS A 105 -5.14 0.87 -23.76
C LYS A 105 -6.03 0.90 -22.52
N SER A 106 -7.34 1.12 -22.67
CA SER A 106 -8.22 1.19 -21.51
C SER A 106 -9.65 0.91 -21.96
N GLU A 107 -10.53 0.74 -20.97
CA GLU A 107 -11.93 0.42 -21.24
C GLU A 107 -12.61 1.52 -22.05
N ASP A 108 -12.59 2.75 -21.54
CA ASP A 108 -13.23 3.88 -22.24
C ASP A 108 -12.59 4.09 -23.60
N PHE A 109 -11.27 4.02 -23.67
CA PHE A 109 -10.57 4.15 -24.94
C PHE A 109 -11.11 3.13 -25.95
N SER A 110 -11.36 1.91 -25.49
CA SER A 110 -11.94 0.90 -26.36
C SER A 110 -13.35 1.28 -26.79
N LYS A 111 -14.16 1.77 -25.84
CA LYS A 111 -15.50 2.21 -26.17
C LYS A 111 -15.48 3.32 -27.21
N MET A 112 -14.59 4.30 -27.03
CA MET A 112 -14.44 5.39 -27.99
C MET A 112 -14.22 4.85 -29.39
N ALA A 113 -13.27 3.93 -29.54
CA ALA A 113 -12.98 3.37 -30.86
C ALA A 113 -14.20 2.68 -31.44
N ALA A 114 -14.88 1.85 -30.64
CA ALA A 114 -16.07 1.16 -31.13
C ALA A 114 -17.13 2.16 -31.59
N ARG A 115 -17.28 3.27 -30.88
CA ARG A 115 -18.18 4.32 -31.33
C ARG A 115 -17.74 4.89 -32.68
N LYS A 116 -16.43 5.09 -32.85
CA LYS A 116 -15.92 5.60 -34.11
C LYS A 116 -16.19 4.62 -35.25
N TYR A 117 -16.00 3.33 -35.00
CA TYR A 117 -16.22 2.32 -36.04
C TYR A 117 -17.69 2.24 -36.41
N ALA A 118 -18.57 2.21 -35.41
CA ALA A 118 -20.00 2.15 -35.68
C ALA A 118 -20.45 3.33 -36.53
N ARG A 119 -19.84 4.50 -36.32
CA ARG A 119 -20.23 5.67 -37.09
C ARG A 119 -19.68 5.63 -38.51
N ILE A 120 -18.45 5.13 -38.68
CA ILE A 120 -17.95 4.85 -40.03
C ILE A 120 -18.92 3.97 -40.79
N VAL A 121 -19.51 2.99 -40.10
CA VAL A 121 -20.45 2.08 -40.73
C VAL A 121 -21.76 2.80 -41.08
N GLN A 122 -22.31 3.52 -40.10
CA GLN A 122 -23.48 4.36 -40.35
C GLN A 122 -23.26 5.25 -41.56
N LYS A 123 -22.08 5.88 -41.64
CA LYS A 123 -21.76 6.75 -42.76
C LYS A 123 -21.83 6.02 -44.10
N LEU A 124 -21.69 4.70 -44.11
CA LEU A 124 -21.78 3.96 -45.35
C LEU A 124 -23.20 3.48 -45.65
N GLY A 125 -24.19 4.01 -44.93
CA GLY A 125 -25.59 3.76 -45.23
C GLY A 125 -26.18 2.52 -44.59
N PHE A 126 -25.78 2.22 -43.35
CA PHE A 126 -26.25 1.03 -42.66
C PHE A 126 -26.90 1.42 -41.34
N PRO A 127 -28.10 0.91 -41.03
CA PRO A 127 -28.74 1.24 -39.75
C PRO A 127 -27.98 0.70 -38.56
N ALA A 128 -26.76 1.18 -38.37
CA ALA A 128 -25.91 0.73 -37.28
C ALA A 128 -26.29 1.40 -35.97
N LYS A 129 -26.36 0.61 -34.91
CA LYS A 129 -26.57 1.08 -33.55
C LYS A 129 -25.38 0.63 -32.70
N PHE A 130 -25.52 0.77 -31.38
CA PHE A 130 -24.43 0.51 -30.44
C PHE A 130 -24.96 -0.31 -29.26
N LYS A 131 -25.42 -1.52 -29.54
CA LYS A 131 -26.15 -2.34 -28.59
C LYS A 131 -25.23 -3.37 -27.96
N ASP A 132 -25.29 -3.48 -26.63
CA ASP A 132 -24.66 -4.55 -25.87
C ASP A 132 -23.13 -4.43 -25.85
N PHE A 133 -22.62 -3.21 -25.73
CA PHE A 133 -21.18 -3.03 -25.57
C PHE A 133 -20.70 -3.77 -24.32
N LYS A 134 -19.61 -4.51 -24.46
CA LYS A 134 -19.08 -5.31 -23.36
C LYS A 134 -17.57 -5.32 -23.40
N ILE A 135 -16.95 -5.12 -22.24
CA ILE A 135 -15.51 -5.34 -22.08
C ILE A 135 -15.30 -6.85 -22.00
N GLN A 136 -14.63 -7.41 -23.01
CA GLN A 136 -14.48 -8.86 -23.09
C GLN A 136 -13.18 -9.37 -22.50
N ASN A 137 -12.09 -8.62 -22.60
CA ASN A 137 -10.82 -9.07 -22.05
C ASN A 137 -9.92 -7.86 -21.81
N ILE A 138 -9.27 -7.86 -20.66
CA ILE A 138 -8.27 -6.87 -20.28
C ILE A 138 -6.91 -7.56 -20.25
N VAL A 139 -5.90 -6.89 -20.79
CA VAL A 139 -4.52 -7.36 -20.76
C VAL A 139 -3.67 -6.25 -20.18
N GLY A 140 -2.91 -6.58 -19.13
CA GLY A 140 -2.04 -5.60 -18.50
C GLY A 140 -0.71 -6.23 -18.14
N SER A 141 0.28 -5.37 -17.93
CA SER A 141 1.61 -5.82 -17.55
C SER A 141 2.18 -4.91 -16.47
N CYS A 142 3.08 -5.48 -15.67
CA CYS A 142 3.70 -4.72 -14.58
C CYS A 142 5.08 -5.31 -14.30
N ASP A 143 5.73 -4.81 -13.24
CA ASP A 143 7.14 -5.10 -13.01
C ASP A 143 7.40 -5.03 -11.50
N VAL A 144 7.60 -6.19 -10.88
CA VAL A 144 7.88 -6.24 -9.44
C VAL A 144 9.28 -5.71 -9.14
N LYS A 145 10.14 -5.58 -10.15
CA LYS A 145 11.46 -4.95 -10.03
C LYS A 145 12.44 -5.83 -9.25
N PHE A 146 12.41 -7.14 -9.51
CA PHE A 146 13.41 -8.07 -8.98
C PHE A 146 13.28 -9.43 -9.65
N PRO A 147 14.36 -10.19 -9.76
CA PRO A 147 14.27 -11.49 -10.44
C PRO A 147 13.51 -12.52 -9.62
N ILE A 148 13.00 -13.53 -10.32
CA ILE A 148 12.17 -14.56 -9.72
C ILE A 148 12.71 -15.94 -10.11
N ARG A 149 12.73 -16.85 -9.14
CA ARG A 149 13.07 -18.25 -9.39
C ARG A 149 11.82 -18.94 -9.90
N LEU A 150 11.69 -19.01 -11.22
CA LEU A 150 10.48 -19.58 -11.82
C LEU A 150 10.28 -21.04 -11.42
N GLU A 151 11.37 -21.79 -11.24
CA GLU A 151 11.23 -23.20 -10.86
C GLU A 151 10.70 -23.33 -9.45
N GLY A 152 11.32 -22.62 -8.49
CA GLY A 152 10.81 -22.64 -7.13
C GLY A 152 9.37 -22.20 -7.04
N LEU A 153 9.00 -21.18 -7.82
CA LEU A 153 7.61 -20.77 -7.91
C LEU A 153 6.75 -21.88 -8.51
N ALA A 154 7.20 -22.47 -9.61
CA ALA A 154 6.45 -23.56 -10.24
C ALA A 154 6.44 -24.83 -9.40
N TYR A 155 7.38 -24.98 -8.46
CA TYR A 155 7.48 -26.20 -7.68
C TYR A 155 6.50 -26.22 -6.51
N SER A 156 6.37 -25.10 -5.80
CA SER A 156 5.49 -25.01 -4.65
C SER A 156 4.05 -24.71 -5.02
N HIS A 157 3.77 -24.42 -6.29
CA HIS A 157 2.42 -24.13 -6.77
C HIS A 157 2.14 -24.96 -8.03
N ALA A 158 2.24 -26.28 -7.87
CA ALA A 158 2.04 -27.17 -9.02
C ALA A 158 0.61 -27.13 -9.53
N ALA A 159 -0.37 -26.88 -8.65
CA ALA A 159 -1.76 -26.88 -9.06
C ALA A 159 -2.12 -25.70 -9.95
N PHE A 160 -1.38 -24.60 -9.87
CA PHE A 160 -1.67 -23.41 -10.65
C PHE A 160 -0.68 -23.16 -11.78
N SER A 161 0.48 -23.80 -11.77
CA SER A 161 1.59 -23.39 -12.61
C SER A 161 1.73 -24.26 -13.84
N SER A 162 2.64 -23.83 -14.72
CA SER A 162 3.02 -24.52 -15.95
C SER A 162 4.26 -23.83 -16.51
N TYR A 163 5.41 -24.48 -16.37
CA TYR A 163 6.70 -23.86 -16.71
C TYR A 163 7.53 -24.84 -17.51
N GLU A 164 7.65 -24.60 -18.82
CA GLU A 164 8.52 -25.39 -19.68
C GLU A 164 9.36 -24.43 -20.52
N PRO A 165 10.49 -23.97 -19.98
CA PRO A 165 11.25 -22.88 -20.61
C PRO A 165 11.80 -23.18 -21.99
N GLU A 166 11.69 -24.41 -22.49
CA GLU A 166 12.10 -24.64 -23.88
C GLU A 166 11.04 -24.15 -24.86
N LEU A 167 9.76 -24.32 -24.53
CA LEU A 167 8.69 -23.80 -25.39
C LEU A 167 8.55 -22.30 -25.22
N PHE A 168 8.34 -21.84 -23.98
CA PHE A 168 8.08 -20.45 -23.70
C PHE A 168 8.79 -20.04 -22.41
N PRO A 169 9.53 -18.93 -22.41
CA PRO A 169 10.33 -18.55 -21.24
C PRO A 169 9.52 -18.10 -20.03
N GLY A 170 8.19 -18.03 -20.12
CA GLY A 170 7.37 -17.54 -19.04
C GLY A 170 6.60 -18.63 -18.35
N LEU A 171 6.40 -18.47 -17.04
CA LEU A 171 5.56 -19.37 -16.27
C LEU A 171 4.09 -19.01 -16.49
N ILE A 172 3.26 -20.03 -16.65
CA ILE A 172 1.85 -19.84 -16.98
C ILE A 172 1.00 -20.16 -15.76
N TYR A 173 0.72 -19.14 -14.95
CA TYR A 173 0.05 -19.29 -13.66
C TYR A 173 -1.43 -18.97 -13.85
N ARG A 174 -2.28 -19.99 -13.70
CA ARG A 174 -3.73 -19.83 -13.82
C ARG A 174 -4.30 -19.68 -12.41
N MET A 175 -4.53 -18.44 -11.98
CA MET A 175 -5.12 -18.19 -10.67
C MET A 175 -6.60 -18.52 -10.70
N LYS A 176 -7.11 -18.99 -9.55
CA LYS A 176 -8.50 -19.41 -9.43
C LYS A 176 -9.41 -18.31 -8.87
N VAL A 177 -8.93 -17.49 -7.95
CA VAL A 177 -9.73 -16.38 -7.42
C VAL A 177 -8.91 -15.10 -7.45
N PRO A 178 -9.20 -14.15 -8.35
CA PRO A 178 -10.18 -14.34 -9.42
C PRO A 178 -9.62 -15.27 -10.50
N LYS A 179 -10.44 -15.67 -11.47
CA LYS A 179 -9.99 -16.59 -12.51
C LYS A 179 -9.21 -15.78 -13.53
N ILE A 180 -7.92 -15.61 -13.27
CA ILE A 180 -7.03 -14.79 -14.06
C ILE A 180 -5.78 -15.60 -14.40
N VAL A 181 -5.20 -15.35 -15.58
CA VAL A 181 -4.02 -16.06 -16.03
C VAL A 181 -2.85 -15.08 -16.05
N LEU A 182 -1.82 -15.38 -15.26
CA LEU A 182 -0.62 -14.56 -15.18
C LEU A 182 0.54 -15.24 -15.89
N LEU A 183 1.35 -14.42 -16.57
CA LEU A 183 2.56 -14.87 -17.27
C LEU A 183 3.76 -14.22 -16.59
N ILE A 184 4.46 -14.98 -15.75
CA ILE A 184 5.55 -14.47 -14.92
C ILE A 184 6.88 -14.90 -15.51
N PHE A 185 7.84 -13.99 -15.50
CA PHE A 185 9.15 -14.17 -16.14
C PHE A 185 10.25 -14.03 -15.10
N VAL A 186 11.50 -14.23 -15.55
CA VAL A 186 12.64 -14.17 -14.63
C VAL A 186 12.93 -12.73 -14.24
N SER A 187 12.90 -11.81 -15.20
CA SER A 187 13.23 -10.41 -14.93
C SER A 187 12.34 -9.79 -13.86
N GLY A 188 11.14 -10.33 -13.66
CA GLY A 188 10.16 -9.71 -12.81
C GLY A 188 9.05 -9.02 -13.54
N LYS A 189 9.06 -9.07 -14.87
CA LYS A 189 7.96 -8.55 -15.68
C LYS A 189 6.87 -9.59 -15.80
N ILE A 190 5.62 -9.12 -15.86
CA ILE A 190 4.46 -9.95 -15.60
C ILE A 190 3.32 -9.53 -16.52
N VAL A 191 2.71 -10.50 -17.18
CA VAL A 191 1.51 -10.26 -17.98
C VAL A 191 0.31 -10.81 -17.22
N ILE A 192 -0.82 -10.12 -17.32
CA ILE A 192 -2.04 -10.47 -16.61
C ILE A 192 -3.20 -10.37 -17.60
N THR A 193 -3.86 -11.49 -17.86
CA THR A 193 -4.87 -11.52 -18.90
C THR A 193 -6.06 -12.36 -18.44
N GLY A 194 -7.12 -12.33 -19.24
CA GLY A 194 -8.36 -12.99 -18.90
C GLY A 194 -9.26 -12.21 -17.96
N ALA A 195 -8.96 -10.93 -17.73
CA ALA A 195 -9.74 -10.11 -16.82
C ALA A 195 -10.88 -9.42 -17.55
N LYS A 196 -12.06 -9.40 -16.90
CA LYS A 196 -13.21 -8.68 -17.43
C LYS A 196 -13.43 -7.35 -16.74
N MET A 197 -12.98 -7.22 -15.49
CA MET A 197 -12.95 -5.96 -14.77
C MET A 197 -11.53 -5.65 -14.37
N ARG A 198 -11.13 -4.38 -14.51
CA ARG A 198 -9.75 -3.99 -14.20
C ARG A 198 -9.38 -4.26 -12.76
N ASP A 199 -10.37 -4.46 -11.88
CA ASP A 199 -10.06 -4.79 -10.49
C ASP A 199 -9.54 -6.21 -10.36
N GLU A 200 -9.92 -7.11 -11.27
CA GLU A 200 -9.34 -8.45 -11.29
C GLU A 200 -7.90 -8.41 -11.77
N THR A 201 -7.60 -7.56 -12.75
CA THR A 201 -6.22 -7.30 -13.13
C THR A 201 -5.40 -6.87 -11.93
N TYR A 202 -5.96 -5.97 -11.11
CA TYR A 202 -5.24 -5.46 -9.95
C TYR A 202 -5.22 -6.47 -8.82
N LYS A 203 -6.34 -7.16 -8.58
CA LYS A 203 -6.41 -8.12 -7.48
C LYS A 203 -5.46 -9.29 -7.72
N ALA A 204 -5.46 -9.82 -8.94
CA ALA A 204 -4.61 -10.98 -9.25
C ALA A 204 -3.14 -10.67 -9.00
N PHE A 205 -2.69 -9.49 -9.42
CA PHE A 205 -1.31 -9.11 -9.13
C PHE A 205 -1.07 -9.02 -7.64
N GLU A 206 -1.96 -8.35 -6.92
CA GLU A 206 -1.81 -8.20 -5.47
C GLU A 206 -1.74 -9.57 -4.79
N ASN A 207 -2.47 -10.55 -5.32
CA ASN A 207 -2.41 -11.90 -4.76
C ASN A 207 -1.05 -12.53 -4.99
N ILE A 208 -0.46 -12.30 -6.16
CA ILE A 208 0.79 -12.96 -6.50
C ILE A 208 2.03 -12.27 -5.95
N TYR A 209 1.93 -10.99 -5.59
CA TYR A 209 3.11 -10.24 -5.15
C TYR A 209 3.77 -10.85 -3.92
N PRO A 210 3.08 -11.11 -2.81
CA PRO A 210 3.76 -11.76 -1.67
C PRO A 210 4.24 -13.16 -2.00
N VAL A 211 3.71 -13.79 -3.05
CA VAL A 211 4.23 -15.08 -3.48
C VAL A 211 5.53 -14.90 -4.27
N LEU A 212 5.57 -13.90 -5.14
CA LEU A 212 6.79 -13.66 -5.93
C LEU A 212 7.95 -13.20 -5.06
N SER A 213 7.66 -12.44 -3.99
CA SER A 213 8.71 -12.07 -3.05
C SER A 213 9.26 -13.31 -2.37
N GLU A 214 8.39 -14.27 -2.04
CA GLU A 214 8.83 -15.54 -1.46
C GLU A 214 9.87 -16.22 -2.33
N PHE A 215 9.79 -16.05 -3.65
CA PHE A 215 10.73 -16.68 -4.56
C PHE A 215 11.53 -15.63 -5.32
N ARG A 216 12.03 -14.65 -4.57
CA ARG A 216 13.00 -13.71 -5.13
C ARG A 216 14.25 -14.46 -5.54
N LYS A 217 14.85 -14.05 -6.65
CA LYS A 217 16.08 -14.64 -7.15
C LYS A 217 17.23 -13.74 -6.72
N ILE A 218 18.07 -14.25 -5.82
CA ILE A 218 19.16 -13.47 -5.24
C ILE A 218 20.50 -13.88 -5.85
N VAL D 32 -10.84 9.33 6.40
CA VAL D 32 -9.50 8.78 6.22
C VAL D 32 -8.72 9.63 5.22
N ASP D 33 -7.78 10.43 5.73
CA ASP D 33 -6.97 11.29 4.88
C ASP D 33 -6.06 10.40 4.04
N LEU D 34 -6.55 10.03 2.86
CA LEU D 34 -5.76 9.23 1.93
C LEU D 34 -4.78 10.11 1.16
N SER D 35 -4.37 11.24 1.76
CA SER D 35 -3.34 12.09 1.18
C SER D 35 -2.08 12.13 2.02
N LYS D 36 -2.19 12.13 3.36
CA LYS D 36 -1.01 11.91 4.21
C LYS D 36 -0.93 10.47 4.70
N HIS D 37 -1.98 9.67 4.47
CA HIS D 37 -1.97 8.24 4.79
C HIS D 37 -2.48 7.48 3.58
N PRO D 38 -1.62 7.25 2.58
CA PRO D 38 -2.04 6.40 1.46
C PRO D 38 -2.38 4.98 1.89
N SER D 39 -1.82 4.50 3.00
CA SER D 39 -2.15 3.17 3.51
C SER D 39 -3.60 3.05 3.93
N GLY D 40 -4.27 4.16 4.23
CA GLY D 40 -5.58 4.10 4.84
C GLY D 40 -5.57 3.65 6.28
N ILE D 41 -4.40 3.37 6.84
CA ILE D 41 -4.22 3.03 8.24
C ILE D 41 -3.38 4.13 8.87
N VAL D 42 -3.84 4.67 10.01
CA VAL D 42 -3.18 5.77 10.68
C VAL D 42 -2.76 5.28 12.09
N PRO D 43 -1.48 5.35 12.42
CA PRO D 43 -1.06 4.81 13.73
C PRO D 43 -1.64 5.58 14.90
N THR D 44 -2.15 4.83 15.87
CA THR D 44 -2.59 5.41 17.13
C THR D 44 -1.38 5.74 17.99
N LEU D 45 -1.24 7.00 18.40
CA LEU D 45 -0.23 7.36 19.37
C LEU D 45 -0.53 6.68 20.70
N GLN D 46 0.52 6.12 21.32
CA GLN D 46 0.33 5.33 22.53
C GLN D 46 1.02 5.87 23.76
N ASN D 47 2.08 6.67 23.62
CA ASN D 47 2.69 7.29 24.78
C ASN D 47 3.57 8.46 24.35
N ILE D 48 3.56 9.53 25.14
CA ILE D 48 4.33 10.73 24.88
C ILE D 48 5.25 11.00 26.06
N VAL D 49 6.54 11.23 25.77
CA VAL D 49 7.52 11.62 26.77
C VAL D 49 7.94 13.05 26.46
N SER D 50 8.04 13.87 27.50
CA SER D 50 8.33 15.28 27.30
C SER D 50 9.08 15.83 28.50
N THR D 51 9.76 16.96 28.30
CA THR D 51 10.47 17.64 29.37
C THR D 51 10.00 19.07 29.50
N VAL D 52 10.18 19.61 30.69
CA VAL D 52 9.77 20.96 31.02
C VAL D 52 10.71 21.49 32.08
N ASN D 53 11.05 22.76 32.00
CA ASN D 53 11.92 23.40 32.98
C ASN D 53 11.07 24.26 33.91
N LEU D 54 10.89 23.79 35.14
CA LEU D 54 10.27 24.61 36.17
C LEU D 54 11.15 25.81 36.54
N ASP D 55 12.46 25.73 36.25
CA ASP D 55 13.38 26.87 36.31
C ASP D 55 13.47 27.45 37.72
N CYS D 56 13.64 26.55 38.69
CA CYS D 56 13.95 26.92 40.08
C CYS D 56 14.34 25.66 40.83
N LYS D 57 15.38 25.77 41.65
CA LYS D 57 15.86 24.64 42.43
C LYS D 57 14.78 24.18 43.41
N LEU D 58 14.58 22.87 43.49
CA LEU D 58 13.55 22.30 44.34
C LEU D 58 14.17 21.41 45.41
N ASP D 59 13.45 21.31 46.53
CA ASP D 59 13.84 20.50 47.69
C ASP D 59 13.02 19.23 47.63
N LEU D 60 13.60 18.17 47.08
CA LEU D 60 12.85 16.95 46.81
C LEU D 60 12.39 16.27 48.10
N LYS D 61 13.29 16.12 49.07
CA LYS D 61 12.92 15.51 50.34
C LYS D 61 11.72 16.21 50.96
N ALA D 62 11.65 17.53 50.82
CA ALA D 62 10.50 18.28 51.33
C ALA D 62 9.27 18.03 50.47
N ILE D 63 9.44 18.03 49.13
CA ILE D 63 8.30 17.86 48.23
C ILE D 63 7.60 16.53 48.49
N ALA D 64 8.36 15.48 48.75
CA ALA D 64 7.79 14.17 49.01
C ALA D 64 7.13 14.06 50.38
N LEU D 65 7.21 15.10 51.21
CA LEU D 65 6.56 15.07 52.51
C LEU D 65 5.17 15.68 52.50
N GLN D 66 4.94 16.68 51.66
CA GLN D 66 3.65 17.37 51.62
C GLN D 66 2.74 16.82 50.52
N ALA D 67 3.31 16.42 49.40
CA ALA D 67 2.52 15.82 48.33
C ALA D 67 2.11 14.41 48.72
N ARG D 68 0.81 14.13 48.61
CA ARG D 68 0.33 12.77 48.89
C ARG D 68 0.63 11.85 47.71
N ASN D 69 0.66 12.41 46.50
CA ASN D 69 0.89 11.67 45.27
C ASN D 69 2.37 11.49 44.97
N ALA D 70 3.22 11.40 45.98
CA ALA D 70 4.66 11.41 45.77
C ALA D 70 5.32 10.14 46.28
N GLU D 71 6.32 9.69 45.53
CA GLU D 71 7.30 8.73 46.01
C GLU D 71 8.68 9.31 45.77
N TYR D 72 9.58 9.09 46.72
CA TYR D 72 10.95 9.60 46.60
C TYR D 72 11.87 8.58 47.26
N ASN D 73 12.44 7.70 46.45
CA ASN D 73 13.51 6.82 46.91
C ASN D 73 14.82 7.40 46.40
N PRO D 74 15.38 8.41 47.08
CA PRO D 74 16.62 9.00 46.57
C PRO D 74 17.73 7.99 46.44
N LYS D 75 17.76 7.00 47.34
CA LYS D 75 18.55 5.80 47.14
C LYS D 75 18.41 5.28 45.72
N ARG D 76 17.18 5.11 45.27
CA ARG D 76 16.90 4.40 44.03
C ARG D 76 16.92 5.34 42.83
N PHE D 77 16.48 6.58 43.01
CA PHE D 77 16.33 7.51 41.91
C PHE D 77 16.18 8.93 42.47
N ALA D 78 17.10 9.83 42.14
CA ALA D 78 17.07 11.18 42.66
C ALA D 78 15.94 11.99 42.04
N ALA D 79 14.73 11.45 42.08
CA ALA D 79 13.56 12.09 41.51
C ALA D 79 12.34 11.74 42.34
N VAL D 80 11.53 12.76 42.64
CA VAL D 80 10.20 12.53 43.17
C VAL D 80 9.29 12.12 42.02
N ILE D 81 8.53 11.06 42.21
CA ILE D 81 7.68 10.49 41.17
C ILE D 81 6.24 10.81 41.49
N MET D 82 5.57 11.49 40.56
CA MET D 82 4.21 11.96 40.74
C MET D 82 3.35 11.48 39.57
N ARG D 83 2.14 11.00 39.88
CA ARG D 83 1.21 10.51 38.87
C ARG D 83 -0.14 11.19 39.07
N ILE D 84 -0.91 11.29 37.98
CA ILE D 84 -2.25 11.86 38.05
C ILE D 84 -3.19 11.03 37.21
N ARG D 85 -4.49 11.20 37.45
CA ARG D 85 -5.49 10.36 36.81
C ARG D 85 -5.84 10.86 35.41
N GLU D 86 -5.90 12.18 35.21
CA GLU D 86 -6.34 12.70 33.92
C GLU D 86 -5.56 13.96 33.54
N PRO D 87 -4.79 13.94 32.45
CA PRO D 87 -4.50 12.75 31.65
C PRO D 87 -3.62 11.79 32.44
N LYS D 88 -3.93 10.49 32.39
CA LYS D 88 -3.18 9.53 33.21
C LYS D 88 -1.72 9.53 32.78
N THR D 89 -0.86 10.09 33.63
CA THR D 89 0.56 10.20 33.31
C THR D 89 1.37 9.87 34.54
N THR D 90 2.69 9.98 34.39
CA THR D 90 3.63 9.93 35.50
C THR D 90 4.69 10.98 35.24
N ALA D 91 5.18 11.60 36.32
CA ALA D 91 6.14 12.69 36.21
C ALA D 91 7.41 12.35 36.97
N LEU D 92 8.52 12.92 36.50
CA LEU D 92 9.82 12.79 37.15
C LEU D 92 10.32 14.19 37.48
N ILE D 93 10.48 14.48 38.76
CA ILE D 93 10.75 15.83 39.24
C ILE D 93 12.08 15.82 39.99
N PHE D 94 13.02 16.63 39.53
CA PHE D 94 14.39 16.63 40.03
C PHE D 94 14.70 17.90 40.79
N ALA D 95 15.73 17.83 41.64
CA ALA D 95 16.20 19.02 42.34
C ALA D 95 16.66 20.09 41.36
N SER D 96 17.20 19.69 40.21
CA SER D 96 17.65 20.65 39.20
C SER D 96 16.53 21.54 38.70
N GLY D 97 15.28 21.25 39.06
CA GLY D 97 14.16 21.96 38.50
C GLY D 97 13.65 21.40 37.20
N LYS D 98 14.36 20.44 36.62
CA LYS D 98 13.92 19.75 35.42
C LYS D 98 12.80 18.77 35.75
N MET D 99 11.99 18.45 34.74
CA MET D 99 10.90 17.51 34.91
C MET D 99 10.65 16.75 33.62
N VAL D 100 10.37 15.45 33.76
CA VAL D 100 10.03 14.58 32.65
C VAL D 100 8.59 14.12 32.85
N CYS D 101 7.83 14.05 31.75
CA CYS D 101 6.43 13.66 31.78
C CYS D 101 6.21 12.50 30.82
N THR D 102 5.67 11.40 31.33
CA THR D 102 5.44 10.21 30.52
C THR D 102 4.05 9.65 30.81
N GLY D 103 3.46 9.01 29.81
CA GLY D 103 2.17 8.33 29.94
C GLY D 103 1.10 8.90 29.03
N ALA D 104 1.21 10.16 28.65
CA ALA D 104 0.21 10.78 27.79
C ALA D 104 0.07 10.04 26.47
N LYS D 105 -1.13 10.11 25.90
CA LYS D 105 -1.43 9.48 24.62
C LYS D 105 -1.55 10.51 23.48
N SER D 106 -1.08 11.74 23.69
CA SER D 106 -0.95 12.73 22.63
C SER D 106 -0.01 13.82 23.13
N GLU D 107 0.59 14.54 22.18
CA GLU D 107 1.51 15.62 22.52
C GLU D 107 0.83 16.67 23.40
N ASP D 108 -0.41 17.03 23.06
CA ASP D 108 -1.17 18.00 23.84
C ASP D 108 -1.51 17.47 25.22
N PHE D 109 -1.99 16.22 25.29
CA PHE D 109 -2.30 15.63 26.58
C PHE D 109 -1.07 15.57 27.47
N SER D 110 0.12 15.55 26.87
CA SER D 110 1.35 15.58 27.66
C SER D 110 1.57 16.96 28.25
N LYS D 111 1.51 18.00 27.40
CA LYS D 111 1.65 19.37 27.86
C LYS D 111 0.62 19.70 28.95
N MET D 112 -0.58 19.11 28.85
CA MET D 112 -1.59 19.32 29.88
C MET D 112 -1.13 18.75 31.21
N ALA D 113 -0.77 17.46 31.23
CA ALA D 113 -0.26 16.85 32.46
C ALA D 113 0.96 17.59 32.97
N ALA D 114 1.87 17.97 32.07
CA ALA D 114 3.04 18.76 32.48
C ALA D 114 2.63 20.05 33.16
N ARG D 115 1.49 20.63 32.77
CA ARG D 115 1.03 21.87 33.40
C ARG D 115 0.45 21.61 34.79
N LYS D 116 -0.25 20.48 34.96
CA LYS D 116 -0.79 20.13 36.27
C LYS D 116 0.34 19.95 37.28
N TYR D 117 1.47 19.39 36.84
CA TYR D 117 2.57 19.16 37.77
C TYR D 117 3.25 20.47 38.15
N ALA D 118 3.48 21.35 37.17
CA ALA D 118 4.00 22.68 37.48
C ALA D 118 3.15 23.35 38.55
N ARG D 119 1.82 23.23 38.42
CA ARG D 119 0.90 23.75 39.42
C ARG D 119 1.18 23.13 40.79
N ILE D 120 1.09 21.80 40.87
CA ILE D 120 1.31 21.09 42.13
C ILE D 120 2.60 21.54 42.78
N VAL D 121 3.65 21.74 41.97
CA VAL D 121 4.94 22.17 42.49
C VAL D 121 4.85 23.59 43.04
N GLN D 122 4.05 24.46 42.41
CA GLN D 122 3.86 25.80 42.95
C GLN D 122 3.05 25.74 44.24
N LYS D 123 1.99 24.92 44.26
CA LYS D 123 1.09 24.87 45.41
C LYS D 123 1.78 24.21 46.61
N LEU D 124 3.11 24.07 46.53
CA LEU D 124 3.95 23.67 47.63
C LEU D 124 5.03 24.70 47.94
N GLY D 125 4.86 25.93 47.44
CA GLY D 125 5.75 27.02 47.80
C GLY D 125 6.99 27.17 46.97
N PHE D 126 6.94 26.85 45.68
CA PHE D 126 8.12 26.90 44.83
C PHE D 126 7.88 27.78 43.61
N PRO D 127 8.83 28.66 43.26
CA PRO D 127 8.66 29.50 42.06
C PRO D 127 8.86 28.73 40.77
N ALA D 128 7.92 27.86 40.43
CA ALA D 128 8.04 26.97 39.29
C ALA D 128 7.34 27.58 38.07
N LYS D 129 8.03 27.57 36.93
CA LYS D 129 7.51 28.05 35.67
C LYS D 129 7.40 26.86 34.70
N PHE D 130 7.34 27.15 33.40
CA PHE D 130 7.03 26.18 32.35
C PHE D 130 7.91 26.46 31.15
N LYS D 131 9.21 26.62 31.39
CA LYS D 131 10.12 27.09 30.36
C LYS D 131 10.58 25.94 29.48
N ASP D 132 10.49 26.15 28.16
CA ASP D 132 11.08 25.26 27.16
C ASP D 132 10.47 23.86 27.24
N PHE D 133 9.15 23.80 27.14
CA PHE D 133 8.48 22.52 27.00
C PHE D 133 8.83 21.90 25.65
N LYS D 134 9.22 20.62 25.67
CA LYS D 134 9.67 19.94 24.46
C LYS D 134 9.13 18.51 24.45
N ILE D 135 8.39 18.17 23.39
CA ILE D 135 8.04 16.78 23.14
C ILE D 135 9.33 16.01 22.87
N GLN D 136 9.62 15.02 23.69
CA GLN D 136 10.90 14.32 23.61
C GLN D 136 10.83 12.97 22.92
N ASN D 137 9.67 12.31 22.96
CA ASN D 137 9.54 11.03 22.28
C ASN D 137 8.06 10.71 22.06
N ILE D 138 7.75 10.19 20.88
CA ILE D 138 6.39 9.79 20.50
C ILE D 138 6.41 8.30 20.20
N VAL D 139 5.43 7.58 20.73
CA VAL D 139 5.30 6.14 20.56
C VAL D 139 3.93 5.84 19.98
N GLY D 140 3.89 4.97 18.96
CA GLY D 140 2.65 4.65 18.30
C GLY D 140 2.56 3.18 17.96
N SER D 141 1.35 2.75 17.61
CA SER D 141 1.09 1.35 17.28
C SER D 141 -0.05 1.27 16.27
N CYS D 142 0.08 0.36 15.31
CA CYS D 142 -0.96 0.14 14.32
C CYS D 142 -0.92 -1.32 13.88
N ASP D 143 -1.96 -1.73 13.16
CA ASP D 143 -2.20 -3.14 12.83
C ASP D 143 -2.56 -3.24 11.35
N VAL D 144 -1.63 -3.73 10.53
CA VAL D 144 -1.84 -3.82 9.09
C VAL D 144 -2.80 -4.95 8.79
N LYS D 145 -3.20 -5.70 9.82
CA LYS D 145 -4.30 -6.66 9.76
C LYS D 145 -3.99 -7.81 8.79
N PHE D 146 -2.72 -8.12 8.60
CA PHE D 146 -2.33 -9.32 7.89
C PHE D 146 -0.98 -9.81 8.46
N PRO D 147 -0.71 -11.09 8.34
CA PRO D 147 0.58 -11.60 8.86
C PRO D 147 1.75 -11.11 8.02
N ILE D 148 2.95 -11.26 8.58
CA ILE D 148 4.18 -10.78 7.95
C ILE D 148 5.22 -11.89 8.01
N ARG D 149 5.96 -12.06 6.90
CA ARG D 149 7.14 -12.92 6.88
C ARG D 149 8.32 -12.10 7.39
N LEU D 150 8.44 -12.04 8.72
CA LEU D 150 9.53 -11.28 9.33
C LEU D 150 10.89 -11.76 8.82
N GLU D 151 11.04 -13.07 8.62
CA GLU D 151 12.31 -13.60 8.15
C GLU D 151 12.67 -13.05 6.77
N GLY D 152 11.71 -13.05 5.85
CA GLY D 152 12.00 -12.58 4.50
C GLY D 152 12.28 -11.09 4.45
N LEU D 153 11.49 -10.31 5.20
CA LEU D 153 11.68 -8.86 5.27
C LEU D 153 13.06 -8.50 5.80
N ALA D 154 13.46 -9.14 6.90
CA ALA D 154 14.78 -8.89 7.47
C ALA D 154 15.89 -9.23 6.49
N TYR D 155 15.62 -10.15 5.56
CA TYR D 155 16.67 -10.64 4.67
C TYR D 155 17.06 -9.60 3.64
N SER D 156 16.10 -9.09 2.87
CA SER D 156 16.38 -8.11 1.84
C SER D 156 16.55 -6.70 2.39
N HIS D 157 16.45 -6.53 3.70
CA HIS D 157 16.68 -5.26 4.39
C HIS D 157 17.73 -5.43 5.47
N ALA D 158 18.79 -6.18 5.15
CA ALA D 158 19.79 -6.57 6.15
C ALA D 158 20.44 -5.38 6.84
N ALA D 159 20.43 -4.21 6.22
CA ALA D 159 21.07 -3.05 6.82
C ALA D 159 20.23 -2.39 7.91
N PHE D 160 18.91 -2.60 7.92
CA PHE D 160 18.03 -1.91 8.84
C PHE D 160 17.42 -2.81 9.92
N SER D 161 17.40 -4.11 9.70
CA SER D 161 16.63 -5.02 10.55
C SER D 161 17.50 -5.76 11.56
N SER D 162 16.85 -6.26 12.60
CA SER D 162 17.48 -7.14 13.58
C SER D 162 16.39 -8.07 14.12
N TYR D 163 16.51 -9.36 13.80
CA TYR D 163 15.45 -10.33 14.09
C TYR D 163 16.06 -11.58 14.71
N GLU D 164 16.09 -11.64 16.04
CA GLU D 164 16.51 -12.82 16.78
C GLU D 164 15.34 -13.26 17.64
N PRO D 165 14.41 -14.03 17.08
CA PRO D 165 13.13 -14.32 17.77
C PRO D 165 13.29 -15.07 19.09
N GLU D 166 14.39 -15.80 19.30
CA GLU D 166 14.60 -16.43 20.60
C GLU D 166 14.76 -15.38 21.70
N LEU D 167 15.46 -14.28 21.38
CA LEU D 167 15.60 -13.19 22.33
C LEU D 167 14.28 -12.44 22.50
N PHE D 168 13.73 -11.95 21.40
CA PHE D 168 12.60 -11.06 21.39
C PHE D 168 11.87 -11.29 20.07
N PRO D 169 10.55 -11.49 20.09
CA PRO D 169 9.83 -11.97 18.90
C PRO D 169 9.65 -10.94 17.80
N GLY D 170 10.03 -9.69 18.02
CA GLY D 170 9.82 -8.66 17.02
C GLY D 170 11.06 -8.23 16.27
N LEU D 171 10.87 -7.69 15.07
CA LEU D 171 11.97 -7.21 14.24
C LEU D 171 12.23 -5.75 14.54
N ILE D 172 13.49 -5.41 14.80
CA ILE D 172 13.90 -4.03 15.05
C ILE D 172 14.27 -3.41 13.71
N TYR D 173 13.42 -2.53 13.19
CA TYR D 173 13.68 -1.83 11.93
C TYR D 173 14.05 -0.39 12.25
N ARG D 174 15.34 -0.07 12.10
CA ARG D 174 15.84 1.28 12.36
C ARG D 174 15.92 2.03 11.04
N MET D 175 14.79 2.65 10.68
CA MET D 175 14.67 3.37 9.42
C MET D 175 15.61 4.58 9.39
N LYS D 176 16.22 4.81 8.23
CA LYS D 176 17.17 5.91 8.09
C LYS D 176 16.45 7.26 7.97
N VAL D 177 15.37 7.31 7.18
CA VAL D 177 14.65 8.55 6.93
C VAL D 177 13.15 8.24 6.90
N PRO D 178 12.36 8.76 7.85
CA PRO D 178 12.87 9.52 9.00
C PRO D 178 13.53 8.61 10.04
N LYS D 179 14.43 9.17 10.84
CA LYS D 179 15.22 8.38 11.80
C LYS D 179 14.29 7.81 12.86
N ILE D 180 13.61 6.73 12.49
CA ILE D 180 12.58 6.10 13.31
C ILE D 180 12.92 4.63 13.47
N VAL D 181 12.57 4.09 14.64
CA VAL D 181 12.67 2.65 14.91
C VAL D 181 11.27 2.05 14.87
N LEU D 182 11.10 1.00 14.08
CA LEU D 182 9.87 0.22 14.03
C LEU D 182 10.12 -1.16 14.63
N LEU D 183 9.10 -1.67 15.31
CA LEU D 183 9.11 -3.02 15.88
C LEU D 183 8.01 -3.80 15.17
N ILE D 184 8.41 -4.69 14.26
CA ILE D 184 7.49 -5.36 13.35
C ILE D 184 7.25 -6.78 13.85
N PHE D 185 5.98 -7.15 14.03
CA PHE D 185 5.61 -8.44 14.59
C PHE D 185 4.83 -9.25 13.58
N VAL D 186 4.83 -10.58 13.79
CA VAL D 186 4.25 -11.50 12.82
C VAL D 186 2.75 -11.26 12.65
N SER D 187 2.08 -10.79 13.70
CA SER D 187 0.63 -10.62 13.66
C SER D 187 0.19 -9.44 12.79
N GLY D 188 1.13 -8.60 12.33
CA GLY D 188 0.78 -7.37 11.65
C GLY D 188 0.73 -6.16 12.54
N LYS D 189 0.62 -6.35 13.86
CA LYS D 189 0.72 -5.24 14.79
C LYS D 189 2.16 -4.72 14.80
N ILE D 190 2.31 -3.41 14.95
CA ILE D 190 3.60 -2.75 14.77
C ILE D 190 3.77 -1.66 15.82
N VAL D 191 5.00 -1.50 16.31
CA VAL D 191 5.36 -0.41 17.21
C VAL D 191 6.24 0.57 16.43
N ILE D 192 6.03 1.87 16.67
CA ILE D 192 6.77 2.93 16.01
C ILE D 192 7.20 3.93 17.08
N THR D 193 8.50 4.00 17.34
CA THR D 193 9.01 4.85 18.42
C THR D 193 10.23 5.62 17.94
N GLY D 194 10.63 6.60 18.75
CA GLY D 194 11.76 7.45 18.42
C GLY D 194 11.41 8.72 17.69
N ALA D 195 10.13 9.07 17.63
CA ALA D 195 9.70 10.25 16.90
C ALA D 195 9.69 11.48 17.80
N LYS D 196 10.02 12.62 17.21
CA LYS D 196 9.80 13.91 17.85
C LYS D 196 8.66 14.69 17.23
N MET D 197 8.35 14.44 15.96
CA MET D 197 7.17 14.97 15.28
C MET D 197 6.28 13.81 14.90
N ARG D 198 4.98 13.92 15.21
CA ARG D 198 4.05 12.83 14.90
C ARG D 198 4.00 12.50 13.41
N ASP D 199 4.46 13.42 12.55
CA ASP D 199 4.49 13.15 11.12
C ASP D 199 5.67 12.28 10.72
N GLU D 200 6.67 12.15 11.59
CA GLU D 200 7.67 11.10 11.39
C GLU D 200 7.10 9.73 11.75
N THR D 201 6.32 9.67 12.84
CA THR D 201 5.57 8.45 13.13
C THR D 201 4.69 8.05 11.96
N TYR D 202 4.10 9.04 11.28
CA TYR D 202 3.21 8.75 10.16
C TYR D 202 3.99 8.36 8.92
N LYS D 203 4.99 9.15 8.54
CA LYS D 203 5.70 8.89 7.29
C LYS D 203 6.62 7.68 7.39
N ALA D 204 7.10 7.36 8.60
CA ALA D 204 7.84 6.12 8.78
C ALA D 204 6.97 4.92 8.45
N PHE D 205 5.70 4.94 8.89
CA PHE D 205 4.80 3.84 8.62
C PHE D 205 4.52 3.71 7.13
N GLU D 206 4.15 4.82 6.48
CA GLU D 206 3.86 4.77 5.05
C GLU D 206 5.09 4.37 4.25
N ASN D 207 6.29 4.60 4.79
CA ASN D 207 7.50 4.10 4.14
C ASN D 207 7.62 2.59 4.27
N ILE D 208 7.15 2.03 5.40
CA ILE D 208 7.29 0.61 5.64
C ILE D 208 6.11 -0.21 5.11
N TYR D 209 4.94 0.43 4.91
CA TYR D 209 3.75 -0.32 4.52
C TYR D 209 3.87 -1.02 3.17
N PRO D 210 4.38 -0.40 2.10
CA PRO D 210 4.63 -1.19 0.88
C PRO D 210 5.52 -2.38 1.14
N VAL D 211 6.53 -2.21 2.00
CA VAL D 211 7.45 -3.31 2.31
C VAL D 211 6.72 -4.39 3.11
N LEU D 212 5.77 -3.98 3.96
CA LEU D 212 5.02 -4.93 4.76
C LEU D 212 4.18 -5.86 3.88
N SER D 213 3.30 -5.28 3.06
CA SER D 213 2.45 -6.08 2.19
C SER D 213 3.27 -6.88 1.18
N GLU D 214 4.52 -6.48 0.94
CA GLU D 214 5.39 -7.23 0.04
C GLU D 214 5.78 -8.57 0.67
N PHE D 215 6.14 -8.55 1.96
CA PHE D 215 6.47 -9.76 2.71
C PHE D 215 5.30 -10.18 3.57
N ARG D 216 4.17 -10.43 2.93
CA ARG D 216 2.99 -10.93 3.62
C ARG D 216 3.07 -12.44 3.76
N LYS D 217 2.82 -12.94 4.97
CA LYS D 217 2.68 -14.37 5.17
C LYS D 217 1.37 -14.83 4.54
N ILE D 218 1.43 -15.96 3.84
CA ILE D 218 0.30 -16.41 3.03
C ILE D 218 0.07 -17.91 3.16
#